data_2R1X
#
_entry.id   2R1X
#
_cell.length_a   45.940
_cell.length_b   81.490
_cell.length_c   131.420
_cell.angle_alpha   90.000
_cell.angle_beta   90.000
_cell.angle_gamma   90.000
#
_symmetry.space_group_name_H-M   'P 21 21 21'
#
loop_
_entity.id
_entity.type
_entity.pdbx_description
1 polymer 'Fab, antibody fragment (IgG1k), light chain'
2 polymer 'Fab, antibody fragment (IgG1k), heavy chain'
3 branched '2,6-anhydro-3,5-dideoxy-D-ribo-oct-2-enonic acid-(4-8)-prop-2-en-1-yl 3-deoxy-alpha-D-manno-oct-2-ulopyranosidonic acid'
4 non-polymer 'ZINC ION'
5 non-polymer 'MAGNESIUM ION'
6 water water
#
loop_
_entity_poly.entity_id
_entity_poly.type
_entity_poly.pdbx_seq_one_letter_code
_entity_poly.pdbx_strand_id
1 'polypeptide(L)'
;DIVMSQSPSSLAVSAGEKVTMSCKSSQSLLNSRTRKNYLAWYQQKPGQSPKLLIYWASTRESGVPDRFTGSGSGTDFTLT
ITSVQAEDLAVYYCKQSYNLRTFGGGTKLEIKRADAAPTVSIFPPSSEQLTSGGASVVCFLNNFYPKDINVKWKIDGSER
QNGVLNSWTDQDSKDSTYSMSSTLTLTKDEYERHNSYTCEATHKTSTSPIVKSFNRNEC
;
A
2 'polypeptide(L)'
;EVKLVESGGGLVQSGGSLRLSCATSGFTFTDYYMSWVRQPPGKALEWLGFIRNKANGYTTEYSPSVKGRFTISRDNSQSI
LYLQMNTLRAEDSATYYCARDHDGYYERFSYWGQGTLVTVSAAKTTPPSVYPLAPGSAAQTNSMVTLGCLVKGYFPEPVT
VTWNSGSLSSGVHTFPAVLQSDLYTLSSSVTVPSSTWPSETVTCNVAHPASSTKVDKKIVPR
;
B
#
loop_
_chem_comp.id
_chem_comp.type
_chem_comp.name
_chem_comp.formula
KDA D-saccharide 'prop-2-en-1-yl 3-deoxy-alpha-D-manno-oct-2-ulopyranosidonic acid' 'C11 H18 O8'
KDD D-saccharide '2,6-anhydro-3,5-dideoxy-D-ribo-oct-2-enonic acid' 'C8 H12 O6'
MG non-polymer 'MAGNESIUM ION' 'Mg 2'
ZN non-polymer 'ZINC ION' 'Zn 2'
#
# COMPACT_ATOMS: atom_id res chain seq x y z
N ASP A 1 -30.47 -3.31 6.57
CA ASP A 1 -28.99 -3.36 7.04
C ASP A 1 -28.56 -1.89 6.96
N ILE A 2 -27.29 -1.49 7.18
CA ILE A 2 -26.95 -0.07 6.86
C ILE A 2 -25.96 0.07 5.73
N VAL A 3 -26.44 0.56 4.61
CA VAL A 3 -25.61 0.67 3.42
C VAL A 3 -24.92 2.03 3.42
N MET A 4 -23.59 2.05 3.29
CA MET A 4 -22.84 3.32 3.24
C MET A 4 -22.30 3.50 1.83
N SER A 5 -22.49 4.69 1.26
CA SER A 5 -22.05 4.96 -0.12
C SER A 5 -21.30 6.26 -0.18
N GLN A 6 -20.20 6.30 -0.94
CA GLN A 6 -19.46 7.53 -1.06
C GLN A 6 -19.40 8.02 -2.49
N SER A 7 -19.22 9.32 -2.63
CA SER A 7 -19.07 9.97 -3.94
C SER A 7 -18.10 11.13 -3.80
N PRO A 8 -17.25 11.39 -4.83
CA PRO A 8 -17.10 10.60 -6.06
C PRO A 8 -16.25 9.39 -5.75
N SER A 9 -16.08 8.50 -6.72
CA SER A 9 -15.16 7.38 -6.54
C SER A 9 -13.73 7.88 -6.48
N SER A 10 -13.44 8.86 -7.33
CA SER A 10 -12.12 9.46 -7.37
C SER A 10 -12.23 10.83 -7.97
N LEU A 11 -11.23 11.67 -7.68
CA LEU A 11 -11.08 13.00 -8.30
C LEU A 11 -9.64 13.49 -8.10
N ALA A 12 -9.26 14.53 -8.85
CA ALA A 12 -7.94 15.17 -8.70
C ALA A 12 -8.15 16.64 -8.50
N VAL A 13 -7.39 17.20 -7.58
CA VAL A 13 -7.49 18.63 -7.25
C VAL A 13 -6.08 19.22 -7.15
N SER A 14 -5.90 20.47 -7.57
CA SER A 14 -4.57 21.09 -7.48
C SER A 14 -4.30 21.62 -6.06
N ALA A 15 -3.02 21.67 -5.67
CA ALA A 15 -2.68 22.19 -4.34
C ALA A 15 -3.24 23.59 -4.19
N GLY A 16 -3.77 23.88 -2.99
CA GLY A 16 -4.38 25.18 -2.71
C GLY A 16 -5.89 25.29 -2.98
N GLU A 17 -6.47 24.30 -3.68
CA GLU A 17 -7.90 24.36 -4.02
C GLU A 17 -8.73 23.58 -3.00
N LYS A 18 -10.05 23.66 -3.15
CA LYS A 18 -10.96 23.03 -2.19
C LYS A 18 -11.41 21.66 -2.70
N VAL A 19 -11.62 20.72 -1.78
CA VAL A 19 -12.08 19.37 -2.10
C VAL A 19 -13.37 19.15 -1.31
N THR A 20 -14.40 18.60 -1.97
CA THR A 20 -15.65 18.22 -1.35
C THR A 20 -15.93 16.76 -1.69
N MET A 21 -16.23 15.95 -0.69
CA MET A 21 -16.68 14.59 -0.96
C MET A 21 -17.81 14.21 -0.03
N SER A 22 -18.58 13.22 -0.43
CA SER A 22 -19.86 12.95 0.20
C SER A 22 -19.99 11.50 0.65
N CYS A 23 -20.86 11.32 1.63
CA CYS A 23 -21.10 10.03 2.25
C CYS A 23 -22.59 9.94 2.61
N LYS A 24 -23.25 8.91 2.08
CA LYS A 24 -24.67 8.69 2.31
C LYS A 24 -24.88 7.41 3.12
N SER A 25 -25.81 7.44 4.08
CA SER A 25 -26.22 6.23 4.79
C SER A 25 -27.66 5.89 4.40
N SER A 26 -27.98 4.60 4.37
CA SER A 26 -29.32 4.17 3.98
C SER A 26 -30.31 4.41 5.11
N GLN A 27 -29.80 4.70 6.30
CA GLN A 27 -30.64 4.99 7.46
C GLN A 27 -30.01 6.14 8.23
N SER A 28 -30.84 6.99 8.85
CA SER A 28 -30.31 8.09 9.64
C SER A 28 -29.37 7.59 10.72
N LEU A 29 -28.24 8.28 10.86
CA LEU A 29 -27.22 7.98 11.88
C LEU A 29 -27.31 8.86 13.11
N LEU A 30 -28.38 9.66 13.18
CA LEU A 30 -28.62 10.56 14.29
C LEU A 30 -29.25 9.81 15.47
N ASN A 31 -28.49 9.66 16.54
CA ASN A 31 -28.96 8.99 17.75
C ASN A 31 -29.81 9.97 18.51
N SER A 32 -31.08 9.63 18.72
CA SER A 32 -32.02 10.54 19.37
C SER A 32 -31.68 10.74 20.84
N ARG A 33 -31.08 9.72 21.48
CA ARG A 33 -30.76 9.81 22.91
C ARG A 33 -29.58 10.73 23.20
N THR A 34 -28.50 10.59 22.43
CA THR A 34 -27.29 11.38 22.62
C THR A 34 -27.23 12.63 21.72
N ARG A 35 -28.12 12.70 20.74
CA ARG A 35 -28.25 13.82 19.78
C ARG A 35 -27.00 14.01 18.91
N LYS A 36 -26.30 12.91 18.65
CA LYS A 36 -25.12 12.95 17.80
C LYS A 36 -25.28 11.99 16.64
N ASN A 37 -24.60 12.31 15.54
CA ASN A 37 -24.56 11.46 14.34
C ASN A 37 -23.37 10.53 14.47
N TYR A 38 -23.59 9.21 14.38
CA TYR A 38 -22.50 8.25 14.58
C TYR A 38 -21.78 7.98 13.25
N LEU A 39 -21.01 8.99 12.82
CA LEU A 39 -20.38 8.95 11.49
C LEU A 39 -18.98 9.51 11.62
N ALA A 40 -17.99 8.71 11.22
CA ALA A 40 -16.58 9.13 11.31
C ALA A 40 -15.95 9.11 9.92
N TRP A 41 -14.87 9.86 9.77
CA TRP A 41 -14.07 9.89 8.53
C TRP A 41 -12.66 9.45 8.86
N TYR A 42 -12.13 8.58 8.00
CA TYR A 42 -10.74 8.06 8.07
C TYR A 42 -9.98 8.42 6.81
N GLN A 43 -8.69 8.70 6.96
CA GLN A 43 -7.79 8.99 5.84
C GLN A 43 -6.79 7.84 5.71
N GLN A 44 -6.66 7.28 4.52
CA GLN A 44 -5.67 6.22 4.31
C GLN A 44 -4.70 6.61 3.23
N LYS A 45 -3.52 7.02 3.65
CA LYS A 45 -2.47 7.40 2.68
C LYS A 45 -1.85 6.15 2.08
N PRO A 46 -1.25 6.27 0.88
CA PRO A 46 -0.75 5.04 0.25
C PRO A 46 0.25 4.26 1.10
N GLY A 47 0.00 2.96 1.20
CA GLY A 47 0.82 2.06 2.00
C GLY A 47 0.70 2.20 3.50
N GLN A 48 -0.23 3.03 3.98
CA GLN A 48 -0.41 3.24 5.43
C GLN A 48 -1.73 2.66 5.95
N SER A 49 -1.83 2.58 7.28
CA SER A 49 -3.11 2.23 7.93
C SER A 49 -4.05 3.40 7.89
N PRO A 50 -5.37 3.16 7.98
CA PRO A 50 -6.28 4.31 8.10
C PRO A 50 -6.00 5.10 9.37
N LYS A 51 -6.24 6.41 9.29
CA LYS A 51 -6.08 7.32 10.43
C LYS A 51 -7.39 8.08 10.65
N LEU A 52 -7.82 8.17 11.91
CA LEU A 52 -9.03 8.93 12.24
C LEU A 52 -8.85 10.43 11.99
N LEU A 53 -9.82 11.02 11.28
CA LEU A 53 -9.83 12.48 11.06
C LEU A 53 -10.93 13.18 11.82
N ILE A 54 -12.16 12.66 11.66
CA ILE A 54 -13.36 13.34 12.13
C ILE A 54 -14.29 12.29 12.73
N TYR A 55 -14.96 12.61 13.83
CA TYR A 55 -15.98 11.70 14.36
C TYR A 55 -17.18 12.50 14.87
N TRP A 56 -18.27 11.78 15.19
CA TRP A 56 -19.55 12.42 15.48
C TRP A 56 -19.88 13.47 14.39
N ALA A 57 -19.58 13.11 13.14
CA ALA A 57 -19.82 13.94 11.94
C ALA A 57 -18.96 15.19 11.80
N SER A 58 -18.74 15.91 12.91
CA SER A 58 -18.09 17.24 12.79
C SER A 58 -16.94 17.50 13.79
N THR A 59 -16.69 16.55 14.69
CA THR A 59 -15.60 16.73 15.66
C THR A 59 -14.25 16.34 15.05
N ARG A 60 -13.37 17.34 14.93
CA ARG A 60 -12.04 17.10 14.34
C ARG A 60 -11.12 16.54 15.41
N GLU A 61 -10.55 15.36 15.19
CA GLU A 61 -9.66 14.76 16.20
C GLU A 61 -8.41 15.66 16.47
N SER A 62 -7.90 15.60 17.69
CA SER A 62 -6.70 16.38 18.04
C SER A 62 -5.57 16.04 17.11
N GLY A 63 -4.91 17.07 16.56
CA GLY A 63 -3.74 16.83 15.73
C GLY A 63 -4.05 16.79 14.26
N VAL A 64 -5.34 16.84 13.91
CA VAL A 64 -5.76 16.86 12.50
C VAL A 64 -5.73 18.31 12.01
N PRO A 65 -5.09 18.58 10.84
CA PRO A 65 -5.10 19.97 10.37
C PRO A 65 -6.50 20.60 10.29
N ASP A 66 -6.60 21.88 10.63
CA ASP A 66 -7.87 22.62 10.56
C ASP A 66 -8.53 22.68 9.16
N ARG A 67 -7.75 22.38 8.13
CA ARG A 67 -8.29 22.38 6.76
C ARG A 67 -9.35 21.27 6.50
N PHE A 68 -9.39 20.25 7.37
CA PHE A 68 -10.35 19.14 7.27
C PHE A 68 -11.56 19.45 8.11
N THR A 69 -12.74 19.46 7.49
CA THR A 69 -13.97 19.78 8.20
C THR A 69 -15.07 18.79 7.82
N GLY A 70 -15.68 18.19 8.83
CA GLY A 70 -16.80 17.28 8.57
C GLY A 70 -18.11 17.99 8.84
N SER A 71 -19.11 17.73 8.01
CA SER A 71 -20.42 18.34 8.21
C SER A 71 -21.51 17.37 7.78
N GLY A 72 -22.77 17.79 7.98
CA GLY A 72 -23.89 16.95 7.61
C GLY A 72 -24.61 16.36 8.80
N SER A 73 -25.69 15.65 8.51
CA SER A 73 -26.54 15.06 9.54
C SER A 73 -27.49 14.04 8.91
N GLY A 74 -27.96 13.12 9.73
CA GLY A 74 -28.95 12.16 9.31
C GLY A 74 -28.40 11.12 8.36
N THR A 75 -28.78 11.25 7.09
CA THR A 75 -28.32 10.32 6.04
C THR A 75 -27.21 10.87 5.12
N ASP A 76 -26.83 12.14 5.27
CA ASP A 76 -25.90 12.77 4.31
C ASP A 76 -24.83 13.56 5.00
N PHE A 77 -23.58 13.26 4.62
CA PHE A 77 -22.42 13.80 5.26
C PHE A 77 -21.40 14.25 4.23
N THR A 78 -20.58 15.20 4.62
CA THR A 78 -19.58 15.81 3.74
C THR A 78 -18.24 15.99 4.45
N LEU A 79 -17.15 15.67 3.75
CA LEU A 79 -15.84 16.04 4.23
C LEU A 79 -15.33 17.08 3.24
N THR A 80 -14.93 18.22 3.78
CA THR A 80 -14.37 19.31 2.99
C THR A 80 -12.91 19.51 3.39
N ILE A 81 -12.05 19.62 2.38
CA ILE A 81 -10.64 19.97 2.61
C ILE A 81 -10.44 21.30 1.92
N THR A 82 -10.15 22.34 2.70
CA THR A 82 -9.78 23.62 2.10
C THR A 82 -8.26 23.64 1.90
N SER A 83 -7.77 24.45 0.95
CA SER A 83 -6.34 24.62 0.74
C SER A 83 -5.58 23.28 0.73
N VAL A 84 -6.04 22.36 -0.10
CA VAL A 84 -5.47 21.01 -0.15
C VAL A 84 -3.97 21.05 -0.39
N GLN A 85 -3.25 20.13 0.26
CA GLN A 85 -1.79 20.08 0.16
C GLN A 85 -1.42 18.75 -0.48
N ALA A 86 -0.23 18.70 -1.08
CA ALA A 86 0.27 17.49 -1.73
C ALA A 86 0.14 16.23 -0.82
N GLU A 87 0.39 16.40 0.48
CA GLU A 87 0.35 15.26 1.41
C GLU A 87 -1.05 14.70 1.66
N ASP A 88 -2.09 15.40 1.20
CA ASP A 88 -3.49 14.96 1.40
C ASP A 88 -3.93 13.85 0.46
N LEU A 89 -3.05 13.51 -0.48
CA LEU A 89 -3.26 12.34 -1.33
C LEU A 89 -3.61 11.11 -0.48
N ALA A 90 -4.76 10.49 -0.74
CA ALA A 90 -5.25 9.40 0.13
C ALA A 90 -6.59 8.92 -0.35
N VAL A 91 -6.99 7.77 0.19
CA VAL A 91 -8.39 7.32 0.09
C VAL A 91 -9.05 7.72 1.41
N TYR A 92 -10.24 8.30 1.31
CA TYR A 92 -10.99 8.78 2.48
C TYR A 92 -12.22 7.89 2.62
N TYR A 93 -12.41 7.36 3.83
CA TYR A 93 -13.55 6.47 4.13
C TYR A 93 -14.45 7.09 5.17
N CYS A 94 -15.77 7.03 4.97
CA CYS A 94 -16.68 7.27 6.10
C CYS A 94 -17.11 5.93 6.71
N LYS A 95 -17.60 5.98 7.95
CA LYS A 95 -17.91 4.76 8.69
C LYS A 95 -19.04 5.09 9.68
N GLN A 96 -20.14 4.33 9.62
CA GLN A 96 -21.18 4.51 10.62
C GLN A 96 -20.90 3.57 11.80
N SER A 97 -21.30 4.00 12.99
CA SER A 97 -21.21 3.13 14.19
C SER A 97 -22.54 3.17 14.97
N TYR A 98 -23.63 3.50 14.28
CA TYR A 98 -24.97 3.52 14.87
C TYR A 98 -25.48 2.10 15.20
N ASN A 99 -25.13 1.15 14.33
CA ASN A 99 -25.56 -0.25 14.49
C ASN A 99 -24.40 -1.12 14.01
N LEU A 100 -23.68 -1.70 14.96
CA LEU A 100 -22.35 -2.28 14.66
C LEU A 100 -21.54 -1.22 13.89
N ARG A 101 -20.76 -1.63 12.88
CA ARG A 101 -20.03 -0.63 12.08
C ARG A 101 -20.00 -1.06 10.62
N THR A 102 -19.97 -0.05 9.73
CA THR A 102 -19.93 -0.31 8.26
C THR A 102 -19.20 0.85 7.63
N PHE A 103 -18.22 0.52 6.78
CA PHE A 103 -17.47 1.53 6.00
C PHE A 103 -18.12 1.76 4.64
N GLY A 104 -18.06 3.00 4.18
CA GLY A 104 -18.28 3.33 2.76
C GLY A 104 -17.15 2.78 1.90
N GLY A 105 -17.33 2.89 0.57
CA GLY A 105 -16.39 2.32 -0.36
C GLY A 105 -15.15 3.18 -0.65
N GLY A 106 -15.10 4.39 -0.09
CA GLY A 106 -13.91 5.24 -0.19
C GLY A 106 -14.00 6.21 -1.36
N THR A 107 -13.33 7.35 -1.20
CA THR A 107 -13.11 8.31 -2.29
C THR A 107 -11.60 8.49 -2.40
N LYS A 108 -11.07 8.26 -3.59
CA LYS A 108 -9.63 8.42 -3.87
C LYS A 108 -9.35 9.84 -4.33
N LEU A 109 -8.57 10.57 -3.53
CA LEU A 109 -8.15 11.92 -3.84
C LEU A 109 -6.75 11.90 -4.42
N GLU A 110 -6.64 12.35 -5.68
CA GLU A 110 -5.34 12.54 -6.32
C GLU A 110 -5.05 14.03 -6.41
N ILE A 111 -3.79 14.36 -6.62
CA ILE A 111 -3.37 15.76 -6.70
C ILE A 111 -3.01 16.12 -8.15
N LYS A 112 -3.60 17.18 -8.67
CA LYS A 112 -3.21 17.63 -10.00
C LYS A 112 -2.00 18.54 -9.85
N ARG A 113 -1.04 18.40 -10.76
CA ARG A 113 0.10 19.29 -10.81
C ARG A 113 0.47 19.58 -12.27
N ALA A 114 1.47 20.44 -12.45
CA ALA A 114 1.98 20.78 -13.76
C ALA A 114 2.65 19.53 -14.35
N ASP A 115 2.52 19.38 -15.66
CA ASP A 115 3.19 18.27 -16.36
C ASP A 115 4.69 18.28 -16.07
N ALA A 116 5.26 17.09 -15.95
CA ALA A 116 6.69 16.90 -15.66
C ALA A 116 7.18 15.70 -16.45
N ALA A 117 8.36 15.84 -17.08
CA ALA A 117 8.96 14.77 -17.88
C ALA A 117 9.63 13.72 -16.98
N PRO A 118 9.59 12.44 -17.40
CA PRO A 118 10.23 11.38 -16.63
C PRO A 118 11.74 11.49 -16.74
N THR A 119 12.41 11.04 -15.69
CA THR A 119 13.86 10.80 -15.73
C THR A 119 14.03 9.30 -15.93
N VAL A 120 14.70 8.93 -17.02
CA VAL A 120 14.74 7.54 -17.44
C VAL A 120 16.13 6.94 -17.24
N SER A 121 16.13 5.73 -16.66
CA SER A 121 17.38 5.00 -16.34
C SER A 121 17.23 3.55 -16.79
N ILE A 122 18.25 3.02 -17.47
CA ILE A 122 18.26 1.61 -17.86
C ILE A 122 19.38 0.82 -17.17
N PHE A 123 19.07 -0.43 -16.84
CA PHE A 123 20.00 -1.30 -16.12
C PHE A 123 20.10 -2.66 -16.79
N PRO A 124 21.33 -3.11 -17.06
CA PRO A 124 21.50 -4.43 -17.64
C PRO A 124 21.31 -5.54 -16.60
N PRO A 125 21.15 -6.80 -17.07
CA PRO A 125 21.08 -7.94 -16.16
C PRO A 125 22.37 -8.02 -15.30
N SER A 126 22.20 -8.38 -14.04
CA SER A 126 23.32 -8.65 -13.15
C SER A 126 23.98 -9.99 -13.49
N SER A 127 25.28 -10.11 -13.20
CA SER A 127 25.96 -11.40 -13.41
C SER A 127 25.36 -12.49 -12.53
N GLU A 128 24.94 -12.10 -11.32
CA GLU A 128 24.27 -13.08 -10.40
C GLU A 128 22.93 -13.61 -10.90
N GLN A 129 22.26 -12.87 -11.80
CA GLN A 129 21.07 -13.41 -12.45
C GLN A 129 21.46 -14.26 -13.65
N LEU A 130 22.39 -13.73 -14.44
CA LEU A 130 22.77 -14.42 -15.68
C LEU A 130 23.31 -15.80 -15.38
N THR A 131 24.00 -15.91 -14.25
CA THR A 131 24.58 -17.21 -13.90
C THR A 131 23.49 -18.30 -13.77
N SER A 132 22.26 -17.88 -13.43
CA SER A 132 21.10 -18.75 -13.22
C SER A 132 20.32 -19.04 -14.50
N GLY A 133 20.70 -18.37 -15.60
CA GLY A 133 20.06 -18.63 -16.89
C GLY A 133 19.06 -17.59 -17.34
N GLY A 134 18.86 -16.55 -16.54
CA GLY A 134 17.92 -15.50 -16.87
C GLY A 134 18.59 -14.16 -17.09
N ALA A 135 17.86 -13.27 -17.77
CA ALA A 135 18.33 -11.93 -18.03
C ALA A 135 17.19 -10.90 -17.98
N SER A 136 17.12 -10.12 -16.90
CA SER A 136 16.12 -9.07 -16.79
C SER A 136 16.76 -7.71 -17.00
N VAL A 137 16.15 -6.92 -17.90
CA VAL A 137 16.62 -5.58 -18.19
C VAL A 137 15.57 -4.66 -17.58
N VAL A 138 16.01 -3.66 -16.83
CA VAL A 138 15.09 -2.81 -16.08
C VAL A 138 15.19 -1.37 -16.55
N CYS A 139 14.03 -0.71 -16.71
CA CYS A 139 14.00 0.69 -16.99
C CYS A 139 13.14 1.38 -15.94
N PHE A 140 13.71 2.37 -15.26
CA PHE A 140 12.94 3.24 -14.35
C PHE A 140 12.60 4.53 -15.08
N LEU A 141 11.33 4.91 -14.99
CA LEU A 141 10.82 6.18 -15.51
C LEU A 141 10.30 6.91 -14.27
N ASN A 142 11.08 7.86 -13.77
CA ASN A 142 10.82 8.46 -12.46
C ASN A 142 10.34 9.90 -12.49
N ASN A 143 9.39 10.18 -11.60
CA ASN A 143 8.95 11.54 -11.29
C ASN A 143 8.34 12.32 -12.47
N PHE A 144 7.30 11.74 -13.07
CA PHE A 144 6.60 12.38 -14.18
C PHE A 144 5.14 12.63 -13.85
N TYR A 145 4.51 13.47 -14.68
CA TYR A 145 3.09 13.77 -14.56
C TYR A 145 2.62 14.31 -15.91
N PRO A 146 1.44 13.86 -16.40
CA PRO A 146 0.51 12.94 -15.74
C PRO A 146 0.91 11.46 -15.83
N LYS A 147 0.06 10.58 -15.31
CA LYS A 147 0.39 9.16 -15.14
C LYS A 147 0.58 8.42 -16.46
N ASP A 148 -0.15 8.84 -17.48
CA ASP A 148 -0.14 8.15 -18.78
C ASP A 148 1.24 8.24 -19.41
N ILE A 149 1.79 7.08 -19.77
CA ILE A 149 3.12 7.03 -20.39
C ILE A 149 3.22 5.75 -21.20
N ASN A 150 4.00 5.81 -22.29
CA ASN A 150 4.25 4.68 -23.14
C ASN A 150 5.71 4.28 -23.04
N VAL A 151 5.98 2.98 -22.90
CA VAL A 151 7.35 2.46 -22.98
C VAL A 151 7.42 1.36 -24.04
N LYS A 152 8.42 1.46 -24.91
CA LYS A 152 8.77 0.38 -25.85
C LYS A 152 10.17 -0.10 -25.61
N TRP A 153 10.32 -1.40 -25.77
CA TRP A 153 11.61 -2.06 -25.72
C TRP A 153 12.03 -2.40 -27.15
N LYS A 154 13.27 -2.08 -27.49
CA LYS A 154 13.83 -2.41 -28.79
C LYS A 154 15.14 -3.17 -28.55
N ILE A 155 15.35 -4.24 -29.34
CA ILE A 155 16.48 -5.13 -29.18
C ILE A 155 17.12 -5.16 -30.58
N ASP A 156 18.37 -4.71 -30.68
CA ASP A 156 19.04 -4.51 -31.98
C ASP A 156 18.16 -3.70 -32.92
N GLY A 157 17.49 -2.70 -32.35
CA GLY A 157 16.67 -1.79 -33.14
C GLY A 157 15.25 -2.23 -33.45
N SER A 158 14.88 -3.48 -33.10
CA SER A 158 13.54 -4.01 -33.38
C SER A 158 12.68 -4.03 -32.13
N GLU A 159 11.44 -3.55 -32.22
CA GLU A 159 10.53 -3.56 -31.07
C GLU A 159 10.20 -4.98 -30.63
N ARG A 160 10.20 -5.19 -29.31
CA ARG A 160 9.72 -6.43 -28.68
C ARG A 160 8.63 -6.14 -27.62
N GLN A 161 7.54 -6.91 -27.63
CA GLN A 161 6.45 -6.70 -26.63
C GLN A 161 6.20 -7.84 -25.64
N ASN A 162 6.55 -9.07 -26.02
CA ASN A 162 6.52 -10.18 -25.07
C ASN A 162 7.66 -10.14 -24.03
N GLY A 163 7.33 -10.53 -22.80
CA GLY A 163 8.30 -10.60 -21.68
C GLY A 163 8.43 -9.40 -20.74
N VAL A 164 7.41 -8.51 -20.73
CA VAL A 164 7.46 -7.20 -20.03
C VAL A 164 6.57 -7.03 -18.73
N LEU A 165 7.18 -6.58 -17.63
CA LEU A 165 6.46 -6.28 -16.37
C LEU A 165 6.42 -4.77 -16.23
N ASN A 166 5.25 -4.15 -16.21
CA ASN A 166 5.16 -2.73 -15.89
C ASN A 166 4.48 -2.49 -14.54
N SER A 167 5.01 -1.54 -13.78
CA SER A 167 4.44 -1.20 -12.47
C SER A 167 4.56 0.29 -12.16
N TRP A 168 3.43 0.93 -11.84
CA TRP A 168 3.39 2.34 -11.43
C TRP A 168 3.31 2.48 -9.92
N THR A 169 4.05 3.45 -9.38
CA THR A 169 3.90 3.80 -7.97
C THR A 169 2.57 4.54 -7.80
N ASP A 170 2.09 4.59 -6.55
CA ASP A 170 1.07 5.57 -6.20
C ASP A 170 1.70 6.97 -6.35
N GLN A 171 0.86 8.00 -6.45
CA GLN A 171 1.39 9.35 -6.54
C GLN A 171 2.28 9.71 -5.35
N ASP A 172 3.31 10.51 -5.60
CA ASP A 172 4.24 10.91 -4.55
C ASP A 172 3.62 11.97 -3.63
N SER A 173 3.77 11.78 -2.31
CA SER A 173 3.14 12.69 -1.32
C SER A 173 3.81 14.05 -1.18
N LYS A 174 5.00 14.19 -1.76
CA LYS A 174 5.73 15.42 -1.67
C LYS A 174 5.59 16.22 -2.96
N ASP A 175 5.85 15.57 -4.10
CA ASP A 175 5.93 16.27 -5.38
C ASP A 175 4.80 15.95 -6.37
N SER A 176 3.89 15.06 -5.97
CA SER A 176 2.66 14.73 -6.72
C SER A 176 2.93 14.10 -8.07
N THR A 177 4.14 13.55 -8.25
CA THR A 177 4.44 12.84 -9.49
C THR A 177 4.24 11.33 -9.38
N TYR A 178 4.36 10.68 -10.53
CA TYR A 178 4.32 9.23 -10.65
C TYR A 178 5.67 8.72 -11.06
N SER A 179 5.90 7.45 -10.76
CA SER A 179 7.05 6.76 -11.34
C SER A 179 6.59 5.41 -11.87
N MET A 180 7.38 4.83 -12.78
CA MET A 180 7.01 3.54 -13.38
C MET A 180 8.29 2.73 -13.55
N SER A 181 8.18 1.43 -13.35
CA SER A 181 9.28 0.51 -13.67
C SER A 181 8.82 -0.42 -14.79
N SER A 182 9.71 -0.67 -15.76
CA SER A 182 9.39 -1.64 -16.80
C SER A 182 10.53 -2.65 -16.83
N THR A 183 10.19 -3.93 -16.75
CA THR A 183 11.22 -4.98 -16.74
C THR A 183 10.98 -5.96 -17.85
N LEU A 184 11.97 -6.10 -18.74
CA LEU A 184 11.96 -7.07 -19.82
C LEU A 184 12.78 -8.28 -19.37
N THR A 185 12.16 -9.45 -19.40
CA THR A 185 12.89 -10.66 -19.01
C THR A 185 13.04 -11.64 -20.18
N LEU A 186 14.31 -12.02 -20.43
CA LEU A 186 14.70 -12.95 -21.46
C LEU A 186 15.42 -14.12 -20.85
N THR A 187 15.56 -15.19 -21.61
CA THR A 187 16.51 -16.21 -21.24
C THR A 187 17.92 -15.71 -21.53
N LYS A 188 18.91 -16.25 -20.81
CA LYS A 188 20.29 -15.91 -21.09
C LYS A 188 20.62 -16.25 -22.56
N ASP A 189 20.13 -17.38 -23.04
CA ASP A 189 20.47 -17.82 -24.41
C ASP A 189 20.00 -16.77 -25.43
N GLU A 190 18.81 -16.21 -25.23
CA GLU A 190 18.26 -15.24 -26.18
C GLU A 190 18.94 -13.88 -25.98
N TYR A 191 19.16 -13.49 -24.71
CA TYR A 191 19.87 -12.27 -24.38
C TYR A 191 21.21 -12.21 -25.11
N GLU A 192 21.92 -13.33 -25.14
CA GLU A 192 23.25 -13.36 -25.74
C GLU A 192 23.27 -13.31 -27.27
N ARG A 193 22.10 -13.30 -27.90
CA ARG A 193 22.01 -13.28 -29.38
C ARG A 193 21.96 -11.87 -29.96
N HIS A 194 21.90 -10.88 -29.07
CA HIS A 194 21.68 -9.51 -29.47
C HIS A 194 22.56 -8.58 -28.68
N ASN A 195 22.73 -7.36 -29.18
CA ASN A 195 23.67 -6.45 -28.57
C ASN A 195 23.03 -5.25 -27.90
N SER A 196 22.20 -4.55 -28.67
CA SER A 196 21.59 -3.28 -28.25
C SER A 196 20.26 -3.48 -27.53
N TYR A 197 20.13 -2.94 -26.30
CA TYR A 197 18.90 -3.02 -25.53
C TYR A 197 18.46 -1.60 -25.23
N THR A 198 17.24 -1.27 -25.64
CA THR A 198 16.76 0.11 -25.55
C THR A 198 15.38 0.19 -24.91
N CYS A 199 15.25 1.12 -23.94
CA CYS A 199 13.99 1.58 -23.30
C CYS A 199 13.63 2.93 -23.95
N GLU A 200 12.44 3.04 -24.57
CA GLU A 200 12.01 4.34 -25.15
C GLU A 200 10.70 4.78 -24.48
N ALA A 201 10.75 5.94 -23.82
CA ALA A 201 9.59 6.46 -23.13
C ALA A 201 8.98 7.63 -23.91
N THR A 202 7.69 7.53 -24.17
CA THR A 202 6.97 8.65 -24.80
C THR A 202 5.91 9.17 -23.82
N HIS A 203 6.04 10.46 -23.55
CA HIS A 203 5.20 11.12 -22.55
C HIS A 203 4.74 12.43 -23.16
N LYS A 204 3.56 12.91 -22.77
CA LYS A 204 3.03 14.12 -23.40
C LYS A 204 3.93 15.37 -23.32
N THR A 205 4.89 15.35 -22.39
CA THR A 205 5.81 16.48 -22.18
C THR A 205 6.80 16.71 -23.31
N SER A 206 6.90 15.76 -24.23
CA SER A 206 7.73 15.98 -25.42
C SER A 206 7.30 15.11 -26.59
N THR A 207 7.41 15.66 -27.79
CA THR A 207 7.18 14.87 -28.97
C THR A 207 8.33 13.91 -29.24
N SER A 208 9.48 14.14 -28.58
CA SER A 208 10.66 13.29 -28.71
C SER A 208 10.62 12.24 -27.58
N PRO A 209 10.64 10.94 -27.95
CA PRO A 209 10.77 9.92 -26.89
C PRO A 209 12.11 10.06 -26.18
N ILE A 210 12.13 9.71 -24.90
CA ILE A 210 13.39 9.66 -24.16
C ILE A 210 13.94 8.25 -24.38
N VAL A 211 15.15 8.17 -24.89
CA VAL A 211 15.77 6.88 -25.27
C VAL A 211 16.96 6.59 -24.37
N LYS A 212 16.88 5.47 -23.63
CA LYS A 212 18.03 4.96 -22.89
C LYS A 212 18.38 3.57 -23.39
N SER A 213 19.68 3.35 -23.56
CA SER A 213 20.17 2.12 -24.19
C SER A 213 21.45 1.66 -23.52
N PHE A 214 21.74 0.37 -23.65
CA PHE A 214 23.10 -0.12 -23.38
C PHE A 214 23.39 -1.19 -24.43
N ASN A 215 24.69 -1.45 -24.63
CA ASN A 215 25.16 -2.48 -25.56
C ASN A 215 25.90 -3.57 -24.78
N ARG A 216 25.56 -4.81 -25.06
CA ARG A 216 26.13 -5.95 -24.33
C ARG A 216 27.66 -5.99 -24.45
N ASN A 217 28.19 -5.64 -25.62
CA ASN A 217 29.67 -5.58 -25.81
C ASN A 217 30.42 -4.60 -24.90
N GLU A 218 29.67 -3.64 -24.33
CA GLU A 218 30.26 -2.57 -23.55
C GLU A 218 30.25 -2.88 -22.04
N CYS A 219 29.64 -4.01 -21.66
CA CYS A 219 29.45 -4.34 -20.24
C CYS A 219 30.76 -4.80 -19.65
N GLU B 1 2.40 6.46 24.80
CA GLU B 1 2.08 6.33 23.35
C GLU B 1 1.28 5.05 23.15
N VAL B 2 0.18 5.16 22.41
CA VAL B 2 -0.65 3.98 22.12
C VAL B 2 -0.02 3.19 21.00
N LYS B 3 0.05 1.87 21.19
CA LYS B 3 0.63 0.95 20.21
C LYS B 3 -0.29 -0.24 19.99
N LEU B 4 -0.52 -0.54 18.71
CA LEU B 4 -1.25 -1.74 18.31
C LEU B 4 -0.42 -2.42 17.23
N VAL B 5 -0.17 -3.71 17.42
CA VAL B 5 0.69 -4.43 16.49
C VAL B 5 0.13 -5.81 16.16
N GLU B 6 -0.31 -5.98 14.91
CA GLU B 6 -0.83 -7.28 14.48
C GLU B 6 0.31 -8.23 14.15
N SER B 7 0.05 -9.51 14.36
CA SER B 7 0.95 -10.57 13.91
C SER B 7 0.14 -11.80 13.51
N GLY B 8 0.79 -12.70 12.77
CA GLY B 8 0.19 -14.00 12.47
C GLY B 8 -0.24 -14.19 11.03
N GLY B 9 -0.20 -13.10 10.27
CA GLY B 9 -0.56 -13.15 8.83
C GLY B 9 0.45 -14.01 8.11
N GLY B 10 0.08 -14.44 6.91
CA GLY B 10 0.91 -15.29 6.07
C GLY B 10 0.08 -16.12 5.10
N LEU B 11 0.72 -17.15 4.55
CA LEU B 11 0.10 -18.01 3.54
C LEU B 11 -0.62 -19.16 4.20
N VAL B 12 -1.83 -19.46 3.74
CA VAL B 12 -2.63 -20.56 4.29
C VAL B 12 -3.48 -21.15 3.14
N GLN B 13 -3.71 -22.47 3.18
CA GLN B 13 -4.48 -23.08 2.09
C GLN B 13 -6.00 -22.87 2.25
N SER B 14 -6.71 -22.90 1.13
CA SER B 14 -8.17 -22.85 1.15
C SER B 14 -8.70 -23.92 2.07
N GLY B 15 -9.65 -23.53 2.92
CA GLY B 15 -10.30 -24.46 3.84
C GLY B 15 -9.59 -24.53 5.18
N GLY B 16 -8.39 -23.92 5.25
CA GLY B 16 -7.59 -23.95 6.47
C GLY B 16 -8.03 -22.91 7.48
N SER B 17 -7.32 -22.87 8.59
CA SER B 17 -7.58 -21.91 9.67
C SER B 17 -6.30 -21.11 9.94
N LEU B 18 -6.48 -19.93 10.53
CA LEU B 18 -5.36 -19.10 10.91
C LEU B 18 -5.84 -18.20 12.03
N ARG B 19 -4.98 -17.97 13.02
CA ARG B 19 -5.33 -17.05 14.11
C ARG B 19 -4.35 -15.88 14.14
N LEU B 20 -4.91 -14.68 14.14
CA LEU B 20 -4.13 -13.44 14.20
C LEU B 20 -4.12 -12.94 15.63
N SER B 21 -3.06 -12.22 15.98
CA SER B 21 -2.98 -11.56 17.28
C SER B 21 -2.74 -10.07 17.06
N CYS B 22 -3.07 -9.29 18.08
CA CYS B 22 -2.91 -7.85 18.07
C CYS B 22 -2.46 -7.41 19.45
N ALA B 23 -1.17 -7.15 19.61
CA ALA B 23 -0.62 -6.73 20.88
C ALA B 23 -0.85 -5.25 21.08
N THR B 24 -1.26 -4.86 22.29
CA THR B 24 -1.58 -3.47 22.55
C THR B 24 -0.88 -2.96 23.81
N SER B 25 -0.70 -1.64 23.85
CA SER B 25 -0.12 -0.98 25.02
C SER B 25 -0.44 0.50 24.97
N GLY B 26 -0.36 1.17 26.12
CA GLY B 26 -0.48 2.62 26.15
C GLY B 26 -1.85 3.17 26.47
N PHE B 27 -2.79 2.28 26.78
CA PHE B 27 -4.15 2.64 27.18
C PHE B 27 -4.71 1.53 28.05
N THR B 28 -5.79 1.83 28.78
CA THR B 28 -6.41 0.85 29.65
C THR B 28 -7.26 -0.10 28.80
N PHE B 29 -6.64 -1.21 28.40
CA PHE B 29 -7.25 -2.20 27.49
C PHE B 29 -8.67 -2.60 27.83
N THR B 30 -8.95 -2.94 29.09
CA THR B 30 -10.28 -3.49 29.43
C THR B 30 -11.38 -2.43 29.30
N ASP B 31 -10.98 -1.16 29.20
CA ASP B 31 -11.93 -0.02 29.08
C ASP B 31 -12.55 0.04 27.66
N TYR B 32 -11.92 -0.68 26.72
CA TYR B 32 -12.21 -0.47 25.30
C TYR B 32 -12.73 -1.70 24.60
N TYR B 33 -13.73 -1.46 23.74
CA TYR B 33 -14.08 -2.37 22.66
C TYR B 33 -12.89 -2.41 21.71
N MET B 34 -12.74 -3.54 21.04
CA MET B 34 -11.70 -3.68 20.03
C MET B 34 -12.34 -4.29 18.80
N SER B 35 -12.03 -3.70 17.64
CA SER B 35 -12.52 -4.21 16.34
C SER B 35 -11.46 -4.84 15.47
N TRP B 36 -11.91 -5.72 14.57
CA TRP B 36 -11.05 -6.13 13.44
C TRP B 36 -11.66 -5.61 12.14
N VAL B 37 -10.79 -5.21 11.22
CA VAL B 37 -11.21 -4.66 9.91
C VAL B 37 -10.23 -5.27 8.90
N ARG B 38 -10.72 -5.63 7.72
CA ARG B 38 -9.79 -6.12 6.70
C ARG B 38 -9.90 -5.31 5.40
N GLN B 39 -8.90 -5.49 4.54
CA GLN B 39 -8.83 -4.79 3.26
C GLN B 39 -8.17 -5.67 2.21
N PRO B 40 -8.96 -6.19 1.27
CA PRO B 40 -8.30 -6.95 0.19
C PRO B 40 -7.43 -5.95 -0.59
N PRO B 41 -6.34 -6.45 -1.22
CA PRO B 41 -5.44 -5.55 -1.93
C PRO B 41 -6.21 -4.65 -2.91
N GLY B 42 -6.04 -3.34 -2.78
CA GLY B 42 -6.67 -2.37 -3.69
C GLY B 42 -8.17 -2.14 -3.54
N LYS B 43 -8.75 -2.66 -2.46
CA LYS B 43 -10.21 -2.62 -2.24
C LYS B 43 -10.55 -1.88 -0.95
N ALA B 44 -11.85 -1.76 -0.64
CA ALA B 44 -12.28 -0.97 0.51
C ALA B 44 -12.08 -1.71 1.83
N LEU B 45 -12.11 -0.94 2.91
CA LEU B 45 -12.15 -1.49 4.28
C LEU B 45 -13.45 -2.21 4.52
N GLU B 46 -13.38 -3.33 5.25
CA GLU B 46 -14.54 -4.09 5.67
C GLU B 46 -14.46 -4.36 7.18
N TRP B 47 -15.44 -3.84 7.92
CA TRP B 47 -15.51 -4.16 9.36
C TRP B 47 -15.96 -5.60 9.55
N LEU B 48 -15.24 -6.32 10.41
CA LEU B 48 -15.50 -7.74 10.62
C LEU B 48 -16.23 -8.08 11.90
N GLY B 49 -15.91 -7.36 12.96
CA GLY B 49 -16.47 -7.74 14.26
C GLY B 49 -15.83 -6.92 15.36
N PHE B 50 -16.45 -7.00 16.53
CA PHE B 50 -15.82 -6.46 17.73
C PHE B 50 -15.97 -7.35 18.95
N ILE B 51 -15.16 -7.07 19.95
CA ILE B 51 -15.37 -7.59 21.30
C ILE B 51 -15.52 -6.38 22.22
N ARG B 52 -16.56 -6.42 23.05
CA ARG B 52 -16.88 -5.33 23.93
C ARG B 52 -15.91 -5.22 25.12
N ASN B 53 -16.04 -4.12 25.87
CA ASN B 53 -15.20 -3.88 27.05
C ASN B 53 -15.74 -4.60 28.27
N LYS B 54 -15.01 -4.44 29.38
CA LYS B 54 -15.36 -5.14 30.62
C LYS B 54 -16.75 -4.76 31.12
N ALA B 55 -17.10 -3.48 31.03
CA ALA B 55 -18.42 -3.00 31.43
C ALA B 55 -19.56 -3.70 30.70
N ASN B 56 -19.28 -4.16 29.48
CA ASN B 56 -20.25 -4.88 28.66
C ASN B 56 -19.99 -6.38 28.54
N GLY B 57 -19.20 -6.93 29.48
CA GLY B 57 -19.05 -8.39 29.61
C GLY B 57 -18.26 -9.04 28.51
N TYR B 58 -17.48 -8.22 27.80
CA TYR B 58 -16.57 -8.72 26.77
C TYR B 58 -17.29 -9.57 25.69
N THR B 59 -18.56 -9.25 25.43
CA THR B 59 -19.33 -9.98 24.41
C THR B 59 -18.89 -9.58 23.00
N THR B 60 -19.17 -10.47 22.05
CA THR B 60 -18.76 -10.30 20.65
C THR B 60 -19.94 -10.08 19.67
N GLU B 61 -19.64 -9.38 18.57
CA GLU B 61 -20.54 -9.27 17.45
C GLU B 61 -19.74 -9.33 16.15
N TYR B 62 -20.40 -9.76 15.08
CA TYR B 62 -19.74 -10.06 13.79
C TYR B 62 -20.53 -9.55 12.61
N SER B 63 -19.83 -9.11 11.56
CA SER B 63 -20.51 -8.84 10.30
C SER B 63 -21.12 -10.15 9.76
N PRO B 64 -22.27 -10.04 9.06
CA PRO B 64 -22.81 -11.21 8.38
C PRO B 64 -21.80 -11.96 7.48
N SER B 65 -20.82 -11.24 6.91
CA SER B 65 -19.85 -11.88 6.01
C SER B 65 -18.97 -12.91 6.68
N VAL B 66 -18.81 -12.84 8.00
CA VAL B 66 -17.92 -13.78 8.68
C VAL B 66 -18.52 -14.44 9.92
N LYS B 67 -19.73 -14.00 10.31
CA LYS B 67 -20.39 -14.58 11.50
C LYS B 67 -20.49 -16.11 11.32
N GLY B 68 -20.09 -16.83 12.35
CA GLY B 68 -20.12 -18.30 12.34
C GLY B 68 -18.83 -18.95 11.87
N ARG B 69 -17.92 -18.13 11.34
CA ARG B 69 -16.69 -18.61 10.75
C ARG B 69 -15.45 -18.02 11.43
N PHE B 70 -15.54 -16.75 11.85
CA PHE B 70 -14.47 -16.08 12.59
C PHE B 70 -14.89 -15.86 14.05
N THR B 71 -13.90 -15.91 14.94
CA THR B 71 -14.11 -15.71 16.38
C THR B 71 -13.13 -14.71 16.94
N ILE B 72 -13.64 -13.72 17.66
CA ILE B 72 -12.77 -12.75 18.32
C ILE B 72 -12.67 -13.09 19.81
N SER B 73 -11.45 -12.97 20.36
CA SER B 73 -11.25 -13.13 21.81
C SER B 73 -10.20 -12.17 22.28
N ARG B 74 -10.02 -12.07 23.60
CA ARG B 74 -9.06 -11.13 24.14
C ARG B 74 -8.45 -11.68 25.43
N ASP B 75 -7.17 -11.38 25.61
CA ASP B 75 -6.42 -11.66 26.85
C ASP B 75 -6.28 -10.36 27.61
N ASN B 76 -7.07 -10.23 28.68
CA ASN B 76 -7.13 -9.01 29.50
C ASN B 76 -6.02 -8.87 30.54
N SER B 77 -5.24 -9.95 30.71
CA SER B 77 -4.04 -9.90 31.54
C SER B 77 -2.87 -9.26 30.79
N GLN B 78 -2.74 -9.59 29.50
CA GLN B 78 -1.61 -9.14 28.67
C GLN B 78 -1.98 -8.08 27.62
N SER B 79 -3.28 -7.77 27.53
CA SER B 79 -3.76 -6.74 26.59
C SER B 79 -3.51 -7.11 25.13
N ILE B 80 -3.83 -8.37 24.81
CA ILE B 80 -3.75 -8.92 23.43
C ILE B 80 -5.15 -9.25 22.90
N LEU B 81 -5.39 -8.90 21.63
CA LEU B 81 -6.64 -9.17 20.94
C LEU B 81 -6.39 -10.25 19.89
N TYR B 82 -7.34 -11.15 19.73
CA TYR B 82 -7.20 -12.29 18.81
C TYR B 82 -8.35 -12.36 17.79
N LEU B 83 -8.02 -12.88 16.60
CA LEU B 83 -9.02 -13.24 15.58
C LEU B 83 -8.72 -14.62 15.05
N GLN B 84 -9.62 -15.54 15.35
CA GLN B 84 -9.56 -16.90 14.82
C GLN B 84 -10.38 -16.97 13.55
N MET B 85 -9.73 -17.39 12.46
CA MET B 85 -10.37 -17.52 11.17
C MET B 85 -10.41 -18.98 10.78
N ASN B 86 -11.60 -19.46 10.37
CA ASN B 86 -11.79 -20.84 9.94
C ASN B 86 -12.34 -20.93 8.54
N THR B 87 -12.16 -22.10 7.91
CA THR B 87 -12.67 -22.37 6.57
C THR B 87 -12.36 -21.22 5.61
N LEU B 88 -11.07 -20.87 5.57
CA LEU B 88 -10.60 -19.75 4.80
C LEU B 88 -10.79 -19.98 3.30
N ARG B 89 -11.11 -18.91 2.59
CA ARG B 89 -11.26 -18.94 1.14
C ARG B 89 -10.50 -17.77 0.48
N ALA B 90 -10.31 -17.83 -0.84
CA ALA B 90 -9.56 -16.79 -1.55
C ALA B 90 -10.05 -15.36 -1.24
N GLU B 91 -11.36 -15.21 -1.06
CA GLU B 91 -11.99 -13.91 -0.72
C GLU B 91 -11.54 -13.33 0.65
N ASP B 92 -10.94 -14.19 1.47
CA ASP B 92 -10.40 -13.79 2.76
C ASP B 92 -8.99 -13.22 2.67
N SER B 93 -8.35 -13.34 1.50
CA SER B 93 -7.03 -12.76 1.29
C SER B 93 -7.12 -11.23 1.42
N ALA B 94 -6.38 -10.69 2.38
CA ALA B 94 -6.52 -9.29 2.73
C ALA B 94 -5.50 -8.88 3.79
N THR B 95 -5.36 -7.57 3.93
CA THR B 95 -4.66 -7.02 5.11
C THR B 95 -5.67 -6.94 6.25
N TYR B 96 -5.30 -7.47 7.42
CA TYR B 96 -6.16 -7.45 8.60
C TYR B 96 -5.59 -6.47 9.63
N TYR B 97 -6.44 -5.54 10.03
CA TYR B 97 -6.12 -4.52 11.04
C TYR B 97 -6.91 -4.72 12.32
N CYS B 98 -6.25 -4.56 13.48
CA CYS B 98 -7.02 -4.34 14.70
C CYS B 98 -7.09 -2.83 14.92
N ALA B 99 -8.22 -2.42 15.50
CA ALA B 99 -8.47 -1.00 15.78
C ALA B 99 -9.08 -0.87 17.15
N ARG B 100 -8.60 0.13 17.89
CA ARG B 100 -9.23 0.46 19.18
C ARG B 100 -10.59 1.11 18.87
N ASP B 101 -11.62 0.68 19.59
CA ASP B 101 -13.02 1.07 19.32
C ASP B 101 -13.58 1.80 20.56
N HIS B 102 -14.89 1.64 20.79
CA HIS B 102 -15.70 2.34 21.82
C HIS B 102 -15.24 2.16 23.26
N ASP B 103 -15.40 3.23 24.03
CA ASP B 103 -15.04 3.22 25.44
C ASP B 103 -16.28 3.50 26.30
N GLY B 104 -17.46 3.42 25.66
CA GLY B 104 -18.74 3.69 26.34
C GLY B 104 -19.22 5.11 26.10
N TYR B 105 -18.33 5.94 25.55
CA TYR B 105 -18.68 7.31 25.25
C TYR B 105 -18.39 7.69 23.79
N TYR B 106 -17.12 7.79 23.46
CA TYR B 106 -16.71 8.27 22.12
C TYR B 106 -17.06 7.28 21.02
N GLU B 107 -17.58 7.80 19.89
CA GLU B 107 -17.82 6.97 18.69
C GLU B 107 -16.68 7.25 17.71
N ARG B 108 -15.69 6.38 17.72
CA ARG B 108 -14.47 6.56 16.89
C ARG B 108 -13.59 5.32 17.04
N PHE B 109 -12.79 5.04 16.01
CA PHE B 109 -11.68 4.11 16.14
C PHE B 109 -10.43 4.96 16.24
N SER B 110 -9.92 5.12 17.46
CA SER B 110 -8.85 6.09 17.67
C SER B 110 -7.53 5.69 17.02
N TYR B 111 -7.27 4.37 17.06
CA TYR B 111 -5.94 3.85 16.71
C TYR B 111 -6.09 2.54 15.95
N TRP B 112 -5.15 2.30 15.02
CA TRP B 112 -5.14 1.14 14.15
C TRP B 112 -3.70 0.61 14.15
N GLY B 113 -3.58 -0.72 14.00
CA GLY B 113 -2.27 -1.37 13.84
C GLY B 113 -1.72 -1.14 12.43
N GLN B 114 -0.52 -1.69 12.18
CA GLN B 114 0.08 -1.57 10.85
C GLN B 114 -0.52 -2.58 9.85
N GLY B 115 -1.26 -3.55 10.37
CA GLY B 115 -1.90 -4.59 9.55
C GLY B 115 -1.01 -5.77 9.30
N THR B 116 -1.64 -6.94 9.13
CA THR B 116 -0.96 -8.19 8.79
C THR B 116 -1.64 -8.83 7.58
N LEU B 117 -0.83 -9.19 6.58
CA LEU B 117 -1.35 -9.68 5.30
C LEU B 117 -1.57 -11.18 5.30
N VAL B 118 -2.80 -11.59 4.97
CA VAL B 118 -3.17 -13.02 4.85
C VAL B 118 -3.39 -13.34 3.38
N THR B 119 -2.77 -14.42 2.92
CA THR B 119 -2.94 -14.92 1.55
C THR B 119 -3.44 -16.34 1.61
N VAL B 120 -4.60 -16.56 0.99
CA VAL B 120 -5.20 -17.89 0.92
C VAL B 120 -4.94 -18.43 -0.49
N SER B 121 -4.11 -19.45 -0.57
CA SER B 121 -3.65 -19.96 -1.86
C SER B 121 -3.04 -21.33 -1.70
N ALA B 122 -3.04 -22.11 -2.80
CA ALA B 122 -2.47 -23.45 -2.82
C ALA B 122 -0.98 -23.40 -3.20
N ALA B 123 -0.52 -22.24 -3.68
CA ALA B 123 0.87 -22.09 -4.16
C ALA B 123 1.85 -22.23 -2.99
N LYS B 124 3.07 -22.71 -3.28
CA LYS B 124 4.06 -22.88 -2.19
C LYS B 124 4.79 -21.56 -1.94
N THR B 125 5.45 -21.46 -0.79
CA THR B 125 6.30 -20.31 -0.48
C THR B 125 7.57 -20.39 -1.34
N THR B 126 7.90 -19.29 -2.01
CA THR B 126 9.10 -19.19 -2.84
C THR B 126 9.85 -17.93 -2.43
N PRO B 127 11.12 -18.06 -1.99
CA PRO B 127 11.90 -16.88 -1.60
C PRO B 127 12.29 -16.08 -2.85
N PRO B 128 12.50 -14.77 -2.67
CA PRO B 128 12.89 -13.93 -3.81
C PRO B 128 14.35 -14.15 -4.20
N SER B 129 14.63 -13.89 -5.47
CA SER B 129 16.00 -13.61 -5.91
C SER B 129 16.18 -12.10 -5.89
N VAL B 130 17.33 -11.61 -5.41
CA VAL B 130 17.49 -10.16 -5.22
C VAL B 130 18.71 -9.78 -6.02
N TYR B 131 18.51 -8.90 -6.99
CA TYR B 131 19.57 -8.53 -7.95
C TYR B 131 19.87 -7.04 -7.92
N PRO B 132 21.16 -6.66 -7.95
CA PRO B 132 21.53 -5.27 -7.89
C PRO B 132 21.31 -4.59 -9.24
N LEU B 133 20.91 -3.33 -9.20
CA LEU B 133 20.75 -2.59 -10.42
C LEU B 133 21.76 -1.44 -10.39
N ALA B 134 22.84 -1.62 -11.15
CA ALA B 134 23.90 -0.63 -11.27
C ALA B 134 23.96 -0.13 -12.72
N PRO B 135 24.30 1.17 -12.91
CA PRO B 135 24.44 1.71 -14.27
C PRO B 135 25.46 0.94 -15.10
N GLY B 136 25.17 0.79 -16.39
CA GLY B 136 26.05 0.04 -17.30
C GLY B 136 27.37 0.77 -17.54
N SER B 143 24.89 14.54 -12.41
CA SER B 143 24.70 15.14 -11.08
C SER B 143 24.11 14.16 -10.07
N MET B 144 22.96 13.58 -10.41
CA MET B 144 22.32 12.52 -9.61
C MET B 144 22.57 11.18 -10.28
N VAL B 145 22.61 10.11 -9.49
CA VAL B 145 22.68 8.76 -10.04
C VAL B 145 21.56 7.93 -9.44
N THR B 146 20.96 7.08 -10.29
CA THR B 146 19.85 6.25 -9.84
C THR B 146 20.34 4.79 -9.83
N LEU B 147 20.10 4.11 -8.71
CA LEU B 147 20.52 2.73 -8.50
C LEU B 147 19.24 1.96 -8.16
N GLY B 148 19.31 0.63 -8.11
CA GLY B 148 18.12 -0.12 -7.70
C GLY B 148 18.36 -1.55 -7.25
N CYS B 149 17.28 -2.21 -6.86
CA CYS B 149 17.27 -3.66 -6.61
C CYS B 149 16.03 -4.27 -7.22
N LEU B 150 16.25 -5.40 -7.87
CA LEU B 150 15.18 -6.19 -8.47
C LEU B 150 14.88 -7.36 -7.54
N VAL B 151 13.65 -7.46 -7.06
CA VAL B 151 13.28 -8.51 -6.12
C VAL B 151 12.33 -9.44 -6.87
N LYS B 152 12.86 -10.55 -7.36
CA LYS B 152 12.16 -11.31 -8.39
C LYS B 152 11.73 -12.71 -7.99
N GLY B 153 10.49 -13.05 -8.36
CA GLY B 153 10.03 -14.42 -8.27
C GLY B 153 9.74 -14.99 -6.90
N TYR B 154 9.03 -14.22 -6.07
CA TYR B 154 8.65 -14.68 -4.73
C TYR B 154 7.14 -14.89 -4.54
N PHE B 155 6.81 -15.65 -3.50
CA PHE B 155 5.42 -15.85 -3.11
C PHE B 155 5.39 -16.34 -1.66
N PRO B 156 4.42 -15.84 -0.85
CA PRO B 156 3.42 -14.79 -1.11
C PRO B 156 4.01 -13.41 -0.85
N GLU B 157 3.18 -12.38 -1.03
CA GLU B 157 3.49 -11.07 -0.50
C GLU B 157 3.47 -11.16 1.05
N PRO B 158 4.08 -10.20 1.74
CA PRO B 158 4.81 -9.07 1.19
C PRO B 158 6.33 -9.27 1.21
N VAL B 159 7.03 -8.28 0.68
CA VAL B 159 8.45 -8.08 0.98
C VAL B 159 8.63 -6.64 1.51
N THR B 160 9.70 -6.44 2.26
CA THR B 160 10.11 -5.08 2.64
C THR B 160 11.44 -4.76 2.00
N VAL B 161 11.58 -3.51 1.53
CA VAL B 161 12.84 -3.03 0.98
C VAL B 161 13.19 -1.72 1.67
N THR B 162 14.41 -1.65 2.18
CA THR B 162 14.95 -0.37 2.64
C THR B 162 16.29 -0.18 1.97
N TRP B 163 16.84 1.02 2.11
CA TRP B 163 18.16 1.35 1.57
C TRP B 163 19.04 1.88 2.70
N ASN B 164 20.25 1.34 2.83
CA ASN B 164 21.15 1.69 3.95
C ASN B 164 20.41 1.65 5.30
N SER B 165 19.73 0.52 5.53
CA SER B 165 19.03 0.25 6.80
C SER B 165 18.00 1.32 7.17
N GLY B 166 17.50 2.03 6.15
CA GLY B 166 16.44 3.01 6.36
C GLY B 166 16.95 4.43 6.44
N SER B 167 18.26 4.62 6.37
CA SER B 167 18.87 5.96 6.41
C SER B 167 18.68 6.74 5.10
N LEU B 168 18.66 6.03 3.96
CA LEU B 168 18.21 6.60 2.70
C LEU B 168 16.73 6.31 2.51
N SER B 169 15.88 7.32 2.68
CA SER B 169 14.44 7.16 2.45
C SER B 169 13.93 8.15 1.41
N SER B 170 14.52 9.35 1.42
CA SER B 170 14.20 10.36 0.41
C SER B 170 14.72 9.89 -0.97
N GLY B 171 13.93 10.12 -2.01
CA GLY B 171 14.37 9.73 -3.37
C GLY B 171 14.39 8.23 -3.61
N VAL B 172 13.64 7.49 -2.76
CA VAL B 172 13.38 6.06 -2.97
C VAL B 172 12.00 5.87 -3.60
N HIS B 173 11.92 5.03 -4.62
CA HIS B 173 10.66 4.56 -5.19
C HIS B 173 10.62 3.05 -5.15
N THR B 174 9.69 2.48 -4.39
CA THR B 174 9.53 1.04 -4.39
C THR B 174 8.23 0.69 -5.12
N PHE B 175 8.37 -0.02 -6.23
CA PHE B 175 7.30 -0.28 -7.15
C PHE B 175 6.43 -1.43 -6.69
N PRO B 176 5.11 -1.24 -6.75
CA PRO B 176 4.24 -2.30 -6.25
C PRO B 176 4.51 -3.61 -6.98
N ALA B 177 4.48 -4.72 -6.24
CA ALA B 177 4.67 -6.03 -6.84
C ALA B 177 3.62 -6.36 -7.88
N VAL B 178 4.05 -7.13 -8.87
CA VAL B 178 3.18 -7.59 -9.93
C VAL B 178 3.29 -9.10 -10.02
N LEU B 179 2.13 -9.73 -10.07
CA LEU B 179 2.01 -11.16 -10.16
C LEU B 179 2.02 -11.58 -11.62
N GLN B 180 2.97 -12.44 -11.98
CA GLN B 180 3.07 -13.04 -13.32
C GLN B 180 3.51 -14.49 -13.18
N SER B 181 2.77 -15.40 -13.84
CA SER B 181 3.07 -16.83 -13.73
C SER B 181 3.24 -17.29 -12.27
N ASP B 182 2.27 -16.93 -11.42
CA ASP B 182 2.18 -17.39 -10.04
C ASP B 182 3.29 -16.91 -9.06
N LEU B 183 4.10 -15.93 -9.47
CA LEU B 183 5.15 -15.38 -8.63
C LEU B 183 5.13 -13.86 -8.74
N TYR B 184 5.50 -13.20 -7.64
CA TYR B 184 5.59 -11.74 -7.60
C TYR B 184 7.00 -11.26 -7.94
N THR B 185 7.06 -10.09 -8.56
CA THR B 185 8.32 -9.39 -8.74
C THR B 185 8.10 -7.92 -8.43
N LEU B 186 9.03 -7.33 -7.69
CA LEU B 186 9.03 -5.91 -7.53
C LEU B 186 10.43 -5.35 -7.70
N SER B 187 10.51 -4.02 -7.83
CA SER B 187 11.81 -3.35 -7.89
C SER B 187 11.76 -2.10 -7.05
N SER B 188 12.94 -1.59 -6.74
CA SER B 188 13.04 -0.39 -5.94
C SER B 188 14.17 0.45 -6.48
N SER B 189 13.94 1.74 -6.66
CA SER B 189 15.02 2.63 -7.12
C SER B 189 15.38 3.61 -6.01
N VAL B 190 16.64 4.02 -6.00
CA VAL B 190 17.09 5.10 -5.14
C VAL B 190 17.94 6.04 -5.97
N THR B 191 17.75 7.33 -5.74
CA THR B 191 18.52 8.36 -6.43
C THR B 191 19.33 9.16 -5.41
N VAL B 192 20.63 9.22 -5.64
CA VAL B 192 21.59 9.86 -4.72
C VAL B 192 22.53 10.78 -5.53
N PRO B 193 23.21 11.75 -4.85
CA PRO B 193 24.24 12.52 -5.58
C PRO B 193 25.36 11.65 -6.15
N SER B 194 25.76 11.90 -7.40
CA SER B 194 26.82 11.14 -8.05
C SER B 194 28.16 11.23 -7.30
N SER B 195 28.35 12.30 -6.54
CA SER B 195 29.55 12.48 -5.70
C SER B 195 29.64 11.49 -4.53
N THR B 196 28.52 10.85 -4.20
CA THR B 196 28.42 9.96 -3.03
C THR B 196 28.44 8.46 -3.37
N TRP B 197 28.31 8.13 -4.65
CA TRP B 197 28.40 6.74 -5.05
C TRP B 197 29.26 6.66 -6.31
N PRO B 198 30.21 5.71 -6.35
CA PRO B 198 30.46 4.64 -5.40
C PRO B 198 31.42 4.94 -4.24
N SER B 199 31.74 6.22 -3.98
CA SER B 199 32.62 6.56 -2.85
C SER B 199 32.03 6.16 -1.49
N GLU B 200 30.73 6.34 -1.33
CA GLU B 200 29.97 5.86 -0.16
C GLU B 200 29.13 4.65 -0.60
N THR B 201 28.92 3.71 0.33
CA THR B 201 28.21 2.46 0.08
C THR B 201 26.69 2.69 -0.08
N VAL B 202 26.08 1.98 -1.03
CA VAL B 202 24.62 1.93 -1.16
C VAL B 202 24.21 0.45 -1.19
N THR B 203 23.33 0.08 -0.25
CA THR B 203 22.91 -1.31 -0.06
C THR B 203 21.38 -1.36 0.08
N CYS B 204 20.73 -2.24 -0.68
CA CYS B 204 19.29 -2.49 -0.42
C CYS B 204 19.14 -3.67 0.54
N ASN B 205 18.21 -3.52 1.49
CA ASN B 205 17.98 -4.52 2.51
C ASN B 205 16.58 -5.07 2.23
N VAL B 206 16.51 -6.36 1.92
CA VAL B 206 15.25 -6.97 1.50
C VAL B 206 14.89 -8.08 2.46
N ALA B 207 13.63 -8.11 2.88
CA ALA B 207 13.13 -9.18 3.71
C ALA B 207 11.86 -9.80 3.08
N HIS B 208 11.75 -11.12 3.16
CA HIS B 208 10.52 -11.82 2.77
C HIS B 208 10.12 -12.69 3.95
N PRO B 209 9.19 -12.19 4.78
CA PRO B 209 8.91 -12.88 6.04
C PRO B 209 8.44 -14.32 5.85
N ALA B 210 7.70 -14.59 4.76
CA ALA B 210 7.16 -15.94 4.55
C ALA B 210 8.24 -17.00 4.52
N SER B 211 9.39 -16.63 3.95
CA SER B 211 10.53 -17.55 3.85
C SER B 211 11.67 -17.16 4.80
N SER B 212 11.37 -16.26 5.74
CA SER B 212 12.37 -15.70 6.65
C SER B 212 13.64 -15.23 5.90
N THR B 213 13.48 -14.80 4.66
CA THR B 213 14.62 -14.34 3.91
C THR B 213 15.07 -12.95 4.37
N LYS B 214 16.38 -12.79 4.60
CA LYS B 214 17.01 -11.47 4.88
C LYS B 214 18.20 -11.35 3.95
N VAL B 215 18.22 -10.28 3.15
CA VAL B 215 19.28 -10.08 2.13
C VAL B 215 19.74 -8.64 2.19
N ASP B 216 21.06 -8.43 2.20
CA ASP B 216 21.60 -7.10 1.98
C ASP B 216 22.41 -7.18 0.68
N LYS B 217 22.07 -6.34 -0.30
CA LYS B 217 22.74 -6.38 -1.59
C LYS B 217 23.43 -5.03 -1.80
N LYS B 218 24.77 -5.07 -1.77
CA LYS B 218 25.57 -3.87 -1.98
C LYS B 218 25.57 -3.58 -3.46
N ILE B 219 25.28 -2.33 -3.83
CA ILE B 219 25.37 -1.93 -5.24
C ILE B 219 26.83 -1.56 -5.59
N VAL B 220 27.45 -2.43 -6.41
CA VAL B 220 28.87 -2.31 -6.78
C VAL B 220 28.98 -1.74 -8.21
N PRO B 221 29.86 -0.74 -8.42
CA PRO B 221 30.03 -0.23 -9.79
C PRO B 221 30.55 -1.27 -10.78
C1 KDA C . -23.05 -1.86 21.33
O1B KDA C . -22.32 -2.39 22.18
O1A KDA C . -23.76 -2.47 20.48
C2 KDA C . -23.09 -0.36 21.27
C3 KDA C . -21.79 0.16 20.59
C4 KDA C . -21.89 1.67 20.30
O4 KDA C . -20.79 2.08 19.45
C5 KDA C . -23.20 2.05 19.63
O5 KDA C . -23.29 1.39 18.36
C6 KDA C . -24.41 1.56 20.46
O6 KDA C . -24.35 0.11 20.59
C7 KDA C . -25.77 1.94 19.84
O7 KDA C . -25.75 3.34 19.78
C8 KDA C . -26.92 1.45 20.75
O8 KDA C . -26.78 2.18 21.97
O2 KDA C . -23.17 0.18 22.66
C9 KDA C . -24.28 -0.21 23.45
C10 KDA C . -24.15 -0.69 24.72
C11 KDA C . -23.74 0.15 25.73
O1A KDD C . -28.06 -2.24 24.13
C1 KDD C . -28.04 -1.33 25.01
O1B KDD C . -28.07 -1.51 26.25
C2 KDD C . -27.92 0.15 24.62
O6 KDD C . -27.61 1.00 25.67
C6 KDD C . -27.03 2.32 25.40
C7 KDD C . -26.93 3.13 26.69
C8 KDD C . -28.22 3.18 27.52
O8 KDD C . -28.30 4.42 28.23
O7 KDD C . -25.92 2.54 27.48
C5 KDD C . -27.73 3.02 24.21
C3 KDD C . -28.13 0.64 23.32
C4 KDD C . -27.64 1.93 23.14
ZN ZN D . 16.61 -13.01 -30.94
MG MG E . 10.33 10.81 -6.67
MG MG F . -23.98 -10.07 22.87
#